data_6O8H
#
_entry.id   6O8H
#
_cell.length_a   124.791
_cell.length_b   124.791
_cell.length_c   96.175
_cell.angle_alpha   90.000
_cell.angle_beta   90.000
_cell.angle_gamma   90.000
#
_symmetry.space_group_name_H-M   'P 41 21 2'
#
loop_
_entity.id
_entity.type
_entity.pdbx_description
1 polymer 'UvrABC system protein B'
2 polymer "DNA (5'-D(P*CP*CP*AP*TP*CP*GP*CP*GP*CP*TP*AP*CP*C)-3')"
3 polymer "DNA (5'-D(P*AP*GP*CP*GP*CP*GP*AP*TP*GP*GP*AP*GP*A)-3')"
4 non-polymer 'SULFATE ION'
5 non-polymer 'CHLORIDE ION'
6 water water
#
loop_
_entity_poly.entity_id
_entity_poly.type
_entity_poly.pdbx_seq_one_letter_code
_entity_poly.pdbx_strand_id
1 'polypeptide(L)'
;VEGRFQLVAPYEPQGDQPQAIAKLVDGLRRGVKHQTLLGATGTGKTFTISNVIAQVNKPTLVIAHNKTLAGQLYSELKEF
FPHNAVEYFVCYYDYYQPEAYVPQTDTYIEKDAKINDEIDKLRHSATSALFERRDVIIVASVSSIYGLGSPEEYRELVVS
LRVGMEIERNALLRRLVDIQYDRNDIDFRRGTFRVRGDVVEIFPASRDEHSIRVEFFGDEIERIREVDALTGEVLGEREH
VAIFPASHFVTREEKMRLAIQNIEQELEERLAELRAQGKLLEAQRLEQRTRYDLEMMREMGFSSGIENYSRHLALRPPGS
TPYTLLDYFPDDFLIIVDESHVTLPQLRGMYNGDRARKQVLVDHGFRLPSALDNRPLTFEEFEQKINQIIYVSATPGPYE
LEHSPGVVEQIIRPTGLLDPTIDVRPTKGQIDDLIGEIRERVERNERTLVTTLTKKMAEDLTDYLKEAGIKVAYLHSEIK
TLERIEIIRDLRLGKYDVLVGINLLREGLDIPEVSLVAILDADKEGALRSERSLIQTIGRAARNANGHVIMYADTITKSM
EIAIQETKRRRAIQEEYNRKHGIVPRTVKKEIR
;
A
2 'polydeoxyribonucleotide' (DT)(DC)(DT)(DC)(DC)(DA)(DT)(DC)(DG)(DC)(DG)(DC)(DT)(DA)(DC)(DC) B
3 'polydeoxyribonucleotide' (DG)(DG)(DT)(DA)(DG)(DC)(DG)(DC)(DG)(DA)(DT)(DG)(DG)(DA)(DG)(DA) C
#
loop_
_chem_comp.id
_chem_comp.type
_chem_comp.name
_chem_comp.formula
CL non-polymer 'CHLORIDE ION' 'Cl -1'
DA DNA linking 2'-DEOXYADENOSINE-5'-MONOPHOSPHATE 'C10 H14 N5 O6 P'
DC DNA linking 2'-DEOXYCYTIDINE-5'-MONOPHOSPHATE 'C9 H14 N3 O7 P'
DG DNA linking 2'-DEOXYGUANOSINE-5'-MONOPHOSPHATE 'C10 H14 N5 O7 P'
DT DNA linking THYMIDINE-5'-MONOPHOSPHATE 'C10 H15 N2 O8 P'
SO4 non-polymer 'SULFATE ION' 'O4 S -2'
#
# COMPACT_ATOMS: atom_id res chain seq x y z
N VAL A 1 24.21 -2.45 -11.44
CA VAL A 1 22.79 -2.76 -11.82
C VAL A 1 22.44 -2.27 -13.24
N GLU A 2 22.59 -0.96 -13.45
CA GLU A 2 22.21 -0.28 -14.70
C GLU A 2 20.82 -0.66 -15.22
N GLY A 3 19.80 -0.19 -14.50
CA GLY A 3 18.42 -0.38 -14.91
C GLY A 3 17.89 -1.79 -14.86
N ARG A 4 18.58 -2.70 -14.17
CA ARG A 4 18.13 -4.07 -14.01
C ARG A 4 18.02 -4.43 -12.54
N PHE A 5 16.98 -5.18 -12.19
CA PHE A 5 16.77 -5.58 -10.81
C PHE A 5 17.83 -6.59 -10.37
N GLN A 6 18.23 -6.49 -9.10
CA GLN A 6 19.12 -7.48 -8.49
C GLN A 6 18.47 -7.99 -7.23
N LEU A 7 17.92 -9.20 -7.31
CA LEU A 7 17.30 -9.85 -6.15
C LEU A 7 18.40 -10.31 -5.21
N VAL A 8 18.36 -9.82 -3.98
CA VAL A 8 19.33 -10.17 -2.95
C VAL A 8 18.57 -10.81 -1.80
N ALA A 9 18.90 -12.06 -1.51
CA ALA A 9 18.31 -12.80 -0.39
C ALA A 9 19.29 -13.85 0.15
N PRO A 10 19.21 -14.15 1.46
CA PRO A 10 20.09 -15.14 2.08
C PRO A 10 19.73 -16.61 1.76
N TYR A 11 18.68 -16.81 0.97
CA TYR A 11 18.26 -18.15 0.55
C TYR A 11 17.75 -18.11 -0.89
N GLU A 12 17.55 -19.30 -1.45
CA GLU A 12 17.09 -19.47 -2.83
C GLU A 12 15.65 -19.95 -2.81
N PRO A 13 14.98 -19.97 -3.97
CA PRO A 13 13.62 -20.49 -3.99
C PRO A 13 13.59 -21.97 -3.61
N GLN A 14 12.59 -22.33 -2.81
CA GLN A 14 12.47 -23.68 -2.26
C GLN A 14 11.02 -24.11 -2.27
N GLY A 15 10.79 -25.40 -2.07
CA GLY A 15 9.47 -25.99 -2.18
C GLY A 15 9.01 -25.94 -3.62
N ASP A 16 7.80 -25.45 -3.85
CA ASP A 16 7.29 -25.28 -5.23
C ASP A 16 7.25 -23.81 -5.66
N GLN A 17 8.17 -23.02 -5.12
CA GLN A 17 8.39 -21.66 -5.59
C GLN A 17 8.96 -21.63 -7.01
N PRO A 18 9.93 -22.51 -7.32
CA PRO A 18 10.53 -22.47 -8.66
C PRO A 18 9.52 -22.55 -9.81
N GLN A 19 8.61 -23.52 -9.76
CA GLN A 19 7.60 -23.65 -10.80
C GLN A 19 6.63 -22.46 -10.82
N ALA A 20 6.26 -21.98 -9.64
CA ALA A 20 5.39 -20.80 -9.50
C ALA A 20 6.02 -19.61 -10.21
N ILE A 21 7.29 -19.38 -9.90
CA ILE A 21 8.08 -18.32 -10.53
C ILE A 21 8.10 -18.50 -12.04
N ALA A 22 8.46 -19.70 -12.48
CA ALA A 22 8.59 -20.03 -13.90
C ALA A 22 7.30 -19.78 -14.68
N LYS A 23 6.16 -20.21 -14.13
CA LYS A 23 4.88 -20.08 -14.81
C LYS A 23 4.45 -18.62 -14.97
N LEU A 24 4.61 -17.85 -13.89
CA LEU A 24 4.24 -16.43 -13.91
C LEU A 24 5.11 -15.65 -14.90
N VAL A 25 6.42 -15.87 -14.83
CA VAL A 25 7.37 -15.26 -15.75
C VAL A 25 7.04 -15.60 -17.20
N ASP A 26 6.83 -16.89 -17.47
CA ASP A 26 6.43 -17.36 -18.79
C ASP A 26 5.15 -16.67 -19.26
N GLY A 27 4.15 -16.67 -18.39
CA GLY A 27 2.88 -16.00 -18.64
C GLY A 27 3.04 -14.54 -19.02
N LEU A 28 3.88 -13.82 -18.27
CA LEU A 28 4.18 -12.41 -18.58
C LEU A 28 4.82 -12.24 -19.95
N ARG A 29 5.80 -13.10 -20.24
CA ARG A 29 6.54 -13.03 -21.51
C ARG A 29 5.69 -13.41 -22.73
N ARG A 30 4.63 -14.20 -22.54
CA ARG A 30 3.71 -14.55 -23.62
C ARG A 30 2.59 -13.53 -23.77
N GLY A 31 2.60 -12.49 -22.94
CA GLY A 31 1.65 -11.40 -23.02
C GLY A 31 0.34 -11.69 -22.33
N VAL A 32 0.34 -12.66 -21.41
CA VAL A 32 -0.88 -12.95 -20.66
C VAL A 32 -1.17 -11.76 -19.75
N LYS A 33 -2.40 -11.27 -19.80
CA LYS A 33 -2.77 -10.01 -19.16
C LYS A 33 -3.00 -10.19 -17.66
N HIS A 34 -3.91 -11.09 -17.32
CA HIS A 34 -4.23 -11.39 -15.92
C HIS A 34 -3.69 -12.76 -15.57
N GLN A 35 -3.05 -12.85 -14.41
CA GLN A 35 -2.68 -14.13 -13.81
C GLN A 35 -2.94 -14.05 -12.32
N THR A 36 -3.01 -15.22 -11.70
CA THR A 36 -3.32 -15.34 -10.29
C THR A 36 -2.34 -16.29 -9.63
N LEU A 37 -1.77 -15.86 -8.50
CA LEU A 37 -0.89 -16.70 -7.70
C LEU A 37 -1.66 -17.21 -6.48
N LEU A 38 -2.08 -18.47 -6.54
CA LEU A 38 -2.79 -19.10 -5.44
C LEU A 38 -1.75 -19.66 -4.48
N GLY A 39 -1.29 -18.81 -3.57
CA GLY A 39 -0.21 -19.15 -2.67
C GLY A 39 -0.71 -19.28 -1.25
N ALA A 40 -0.49 -20.44 -0.66
CA ALA A 40 -0.90 -20.69 0.71
C ALA A 40 -0.18 -19.74 1.66
N THR A 41 -0.82 -19.45 2.78
CA THR A 41 -0.19 -18.61 3.79
C THR A 41 1.10 -19.27 4.21
N GLY A 42 2.17 -18.49 4.25
CA GLY A 42 3.47 -18.96 4.70
C GLY A 42 4.31 -19.68 3.65
N THR A 43 4.00 -19.47 2.38
CA THR A 43 4.81 -20.02 1.28
C THR A 43 5.79 -19.00 0.71
N GLY A 44 5.87 -17.82 1.32
CA GLY A 44 6.78 -16.78 0.89
C GLY A 44 6.39 -16.12 -0.42
N LYS A 45 5.10 -15.78 -0.54
CA LYS A 45 4.56 -15.18 -1.76
C LYS A 45 5.30 -13.91 -2.22
N THR A 46 5.74 -13.09 -1.27
CA THR A 46 6.47 -11.86 -1.61
C THR A 46 7.81 -12.18 -2.27
N PHE A 47 8.50 -13.21 -1.76
CA PHE A 47 9.74 -13.67 -2.36
C PHE A 47 9.49 -14.23 -3.75
N THR A 48 8.41 -15.00 -3.90
CA THR A 48 8.06 -15.56 -5.19
C THR A 48 7.88 -14.44 -6.19
N ILE A 49 7.09 -13.45 -5.81
CA ILE A 49 6.83 -12.29 -6.65
C ILE A 49 8.12 -11.49 -6.95
N SER A 50 9.01 -11.37 -5.97
CA SER A 50 10.27 -10.64 -6.16
C SER A 50 11.14 -11.29 -7.24
N ASN A 51 11.24 -12.62 -7.21
CA ASN A 51 11.90 -13.37 -8.27
C ASN A 51 11.26 -13.11 -9.63
N VAL A 52 9.94 -13.13 -9.67
CA VAL A 52 9.19 -12.81 -10.89
C VAL A 52 9.54 -11.40 -11.37
N ILE A 53 9.50 -10.42 -10.48
CA ILE A 53 9.84 -9.04 -10.83
C ILE A 53 11.28 -8.97 -11.37
N ALA A 54 12.19 -9.65 -10.70
CA ALA A 54 13.61 -9.59 -11.05
C ALA A 54 13.91 -10.12 -12.46
N GLN A 55 13.18 -11.14 -12.88
CA GLN A 55 13.44 -11.78 -14.20
C GLN A 55 12.88 -10.99 -15.40
N VAL A 56 11.72 -10.36 -15.24
CA VAL A 56 11.08 -9.61 -16.34
C VAL A 56 11.50 -8.15 -16.49
N ASN A 57 12.08 -7.57 -15.43
CA ASN A 57 12.58 -6.20 -15.47
C ASN A 57 11.59 -5.17 -16.04
N LYS A 58 10.42 -5.10 -15.40
CA LYS A 58 9.44 -4.04 -15.68
C LYS A 58 9.29 -3.16 -14.45
N PRO A 59 9.08 -1.84 -14.64
CA PRO A 59 8.65 -1.02 -13.53
C PRO A 59 7.37 -1.59 -12.91
N THR A 60 7.38 -1.80 -11.60
CA THR A 60 6.30 -2.53 -10.94
C THR A 60 5.59 -1.70 -9.87
N LEU A 61 4.26 -1.79 -9.87
CA LEU A 61 3.42 -1.21 -8.82
C LEU A 61 2.86 -2.32 -7.96
N VAL A 62 3.12 -2.25 -6.66
CA VAL A 62 2.58 -3.23 -5.72
C VAL A 62 1.46 -2.56 -4.91
N ILE A 63 0.24 -3.08 -5.05
CA ILE A 63 -0.93 -2.51 -4.39
C ILE A 63 -1.38 -3.35 -3.20
N ALA A 64 -1.27 -2.77 -2.00
CA ALA A 64 -1.72 -3.40 -0.76
C ALA A 64 -3.08 -2.87 -0.38
N HIS A 65 -3.81 -3.57 0.49
CA HIS A 65 -5.16 -3.11 0.85
C HIS A 65 -5.23 -2.23 2.10
N ASN A 66 -4.10 -2.06 2.78
CA ASN A 66 -4.00 -1.05 3.84
C ASN A 66 -2.56 -0.59 4.05
N LYS A 67 -2.37 0.42 4.90
CA LYS A 67 -1.06 1.01 5.16
C LYS A 67 -0.09 0.07 5.89
N THR A 68 -0.63 -0.74 6.80
CA THR A 68 0.19 -1.70 7.53
C THR A 68 0.88 -2.69 6.58
N LEU A 69 0.08 -3.34 5.73
CA LEU A 69 0.61 -4.26 4.73
C LEU A 69 1.53 -3.56 3.71
N ALA A 70 1.16 -2.34 3.31
CA ALA A 70 2.00 -1.52 2.45
C ALA A 70 3.38 -1.28 3.08
N GLY A 71 3.38 -0.88 4.35
CA GLY A 71 4.63 -0.68 5.09
C GLY A 71 5.51 -1.91 5.14
N GLN A 72 4.91 -3.05 5.47
CA GLN A 72 5.64 -4.31 5.54
C GLN A 72 6.24 -4.70 4.20
N LEU A 73 5.41 -4.70 3.16
CA LEU A 73 5.85 -5.03 1.80
C LEU A 73 6.97 -4.10 1.34
N TYR A 74 6.85 -2.83 1.71
CA TYR A 74 7.87 -1.83 1.37
C TYR A 74 9.22 -2.19 1.99
N SER A 75 9.22 -2.46 3.28
CA SER A 75 10.46 -2.80 3.98
C SER A 75 11.01 -4.16 3.54
N GLU A 76 10.13 -5.11 3.21
CA GLU A 76 10.60 -6.40 2.72
C GLU A 76 11.26 -6.25 1.34
N LEU A 77 10.60 -5.52 0.45
CA LEU A 77 11.09 -5.29 -0.90
C LEU A 77 12.38 -4.46 -0.93
N LYS A 78 12.52 -3.52 0.00
CA LYS A 78 13.78 -2.77 0.16
C LYS A 78 14.97 -3.70 0.42
N GLU A 79 14.79 -4.67 1.31
CA GLU A 79 15.84 -5.65 1.59
C GLU A 79 16.12 -6.52 0.37
N PHE A 80 15.08 -6.91 -0.35
CA PHE A 80 15.24 -7.79 -1.52
C PHE A 80 15.96 -7.10 -2.69
N PHE A 81 15.81 -5.79 -2.82
CA PHE A 81 16.37 -5.03 -3.94
C PHE A 81 17.12 -3.79 -3.46
N PRO A 82 18.18 -3.98 -2.66
CA PRO A 82 18.83 -2.85 -1.99
C PRO A 82 19.52 -1.88 -2.96
N HIS A 83 19.86 -2.36 -4.15
CA HIS A 83 20.50 -1.53 -5.17
C HIS A 83 19.54 -0.98 -6.23
N ASN A 84 18.24 -1.27 -6.08
CA ASN A 84 17.22 -0.71 -6.96
C ASN A 84 16.38 0.32 -6.22
N ALA A 85 15.47 0.97 -6.95
CA ALA A 85 14.60 1.99 -6.37
C ALA A 85 13.29 1.39 -5.89
N VAL A 86 13.23 1.09 -4.60
CA VAL A 86 12.00 0.64 -3.96
C VAL A 86 11.37 1.84 -3.26
N GLU A 87 10.16 2.19 -3.67
CA GLU A 87 9.51 3.42 -3.25
C GLU A 87 8.21 3.15 -2.51
N TYR A 88 7.71 4.19 -1.83
CA TYR A 88 6.57 4.06 -0.94
C TYR A 88 5.63 5.24 -1.17
N PHE A 89 4.43 4.94 -1.67
CA PHE A 89 3.47 5.96 -2.06
C PHE A 89 2.15 5.79 -1.30
N VAL A 90 2.04 6.46 -0.17
CA VAL A 90 0.83 6.40 0.67
C VAL A 90 0.24 7.78 0.84
N CYS A 91 -0.97 7.84 1.39
CA CYS A 91 -1.67 9.12 1.56
C CYS A 91 -1.43 9.71 2.96
N TYR A 92 -1.87 10.95 3.13
CA TYR A 92 -1.64 11.72 4.36
C TYR A 92 -2.65 11.33 5.43
N ALA A 113 3.35 16.86 12.25
CA ALA A 113 3.83 17.74 11.19
C ALA A 113 4.82 17.03 10.28
N LYS A 114 5.91 16.52 10.87
CA LYS A 114 6.99 15.89 10.10
C LYS A 114 6.68 14.49 9.58
N ILE A 115 5.68 13.82 10.15
CA ILE A 115 5.19 12.56 9.60
C ILE A 115 4.55 12.84 8.25
N ASN A 116 3.71 13.88 8.21
CA ASN A 116 3.12 14.38 6.97
C ASN A 116 4.21 14.73 5.94
N ASP A 117 5.26 15.40 6.43
CA ASP A 117 6.40 15.81 5.61
C ASP A 117 7.15 14.63 4.99
N GLU A 118 7.36 13.59 5.80
CA GLU A 118 8.03 12.37 5.34
C GLU A 118 7.22 11.67 4.24
N ILE A 119 5.90 11.62 4.41
CA ILE A 119 4.99 11.05 3.43
C ILE A 119 5.02 11.83 2.11
N ASP A 120 5.01 13.16 2.20
CA ASP A 120 5.13 14.00 1.01
C ASP A 120 6.45 13.72 0.28
N LYS A 121 7.53 13.57 1.04
CA LYS A 121 8.83 13.29 0.46
C LYS A 121 8.84 11.96 -0.28
N LEU A 122 8.39 10.91 0.41
CA LEU A 122 8.34 9.57 -0.15
C LEU A 122 7.47 9.51 -1.42
N ARG A 123 6.38 10.27 -1.45
CA ARG A 123 5.54 10.38 -2.66
C ARG A 123 6.33 10.99 -3.80
N HIS A 124 7.12 12.00 -3.48
CA HIS A 124 7.97 12.65 -4.48
C HIS A 124 9.15 11.80 -4.94
N SER A 125 9.74 11.07 -4.00
CA SER A 125 10.74 10.07 -4.35
C SER A 125 10.17 9.04 -5.32
N ALA A 126 8.91 8.66 -5.10
CA ALA A 126 8.25 7.65 -5.93
C ALA A 126 8.00 8.14 -7.35
N THR A 127 7.47 9.34 -7.51
CA THR A 127 7.11 9.83 -8.84
C THR A 127 8.32 10.22 -9.68
N SER A 128 9.28 10.88 -9.06
CA SER A 128 10.50 11.27 -9.75
C SER A 128 11.30 10.04 -10.20
N ALA A 129 11.29 8.99 -9.38
CA ALA A 129 12.02 7.76 -9.71
C ALA A 129 11.50 7.11 -10.99
N LEU A 130 10.19 7.21 -11.22
CA LEU A 130 9.58 6.68 -12.45
C LEU A 130 10.09 7.38 -13.71
N PHE A 131 10.62 8.58 -13.55
CA PHE A 131 11.20 9.32 -14.68
C PHE A 131 12.73 9.44 -14.60
N GLU A 132 13.34 8.67 -13.69
CA GLU A 132 14.80 8.64 -13.57
C GLU A 132 15.43 7.31 -13.99
N ARG A 133 14.68 6.22 -13.89
CA ARG A 133 15.24 4.88 -14.09
C ARG A 133 14.12 3.85 -14.24
N ARG A 134 14.45 2.73 -14.86
CA ARG A 134 13.51 1.64 -15.08
C ARG A 134 13.36 0.73 -13.87
N ASP A 135 14.45 0.51 -13.13
CA ASP A 135 14.44 -0.43 -12.00
C ASP A 135 13.72 0.14 -10.78
N VAL A 136 12.40 0.22 -10.87
CA VAL A 136 11.57 0.84 -9.85
C VAL A 136 10.41 -0.06 -9.42
N ILE A 137 10.26 -0.20 -8.11
CA ILE A 137 9.13 -0.88 -7.50
C ILE A 137 8.50 0.09 -6.52
N ILE A 138 7.25 0.45 -6.76
CA ILE A 138 6.51 1.30 -5.84
C ILE A 138 5.45 0.48 -5.12
N VAL A 139 5.46 0.56 -3.80
CA VAL A 139 4.40 -0.02 -2.98
C VAL A 139 3.43 1.09 -2.62
N ALA A 140 2.16 0.88 -2.91
CA ALA A 140 1.12 1.83 -2.59
C ALA A 140 -0.06 1.10 -1.97
N SER A 141 -0.87 1.81 -1.20
CA SER A 141 -2.14 1.27 -0.76
C SER A 141 -3.15 1.55 -1.85
N VAL A 142 -4.28 0.86 -1.81
CA VAL A 142 -5.30 1.03 -2.83
C VAL A 142 -5.97 2.40 -2.71
N SER A 143 -6.04 2.93 -1.50
CA SER A 143 -6.62 4.26 -1.26
C SER A 143 -5.68 5.44 -1.56
N SER A 144 -4.42 5.15 -1.68
CA SER A 144 -3.43 6.18 -1.77
C SER A 144 -2.83 6.45 -3.08
N ILE A 145 -3.46 6.02 -4.16
CA ILE A 145 -2.90 6.25 -5.46
C ILE A 145 -3.30 7.59 -6.08
N TYR A 146 -4.03 8.39 -5.34
CA TYR A 146 -4.47 9.66 -5.87
C TYR A 146 -3.73 10.84 -5.31
N GLY A 147 -4.15 12.02 -5.71
CA GLY A 147 -3.56 13.24 -5.28
C GLY A 147 -2.52 13.68 -6.27
N LEU A 148 -2.76 13.41 -7.54
CA LEU A 148 -1.78 13.76 -8.55
C LEU A 148 -2.30 14.48 -9.79
N GLY A 149 -1.48 15.37 -10.31
CA GLY A 149 -1.75 16.06 -11.55
C GLY A 149 -1.13 15.30 -12.71
N SER A 150 -1.22 15.81 -13.91
CA SER A 150 -0.73 15.10 -15.09
C SER A 150 0.75 14.69 -15.00
N PRO A 151 1.08 13.43 -15.36
CA PRO A 151 2.49 13.02 -15.39
C PRO A 151 3.27 13.67 -16.54
N GLU A 152 2.59 13.90 -17.66
CA GLU A 152 3.18 14.64 -18.78
C GLU A 152 3.73 15.99 -18.30
N GLU A 153 2.93 16.72 -17.54
CA GLU A 153 3.33 18.02 -17.01
C GLU A 153 4.45 17.86 -16.01
N TYR A 154 4.27 16.92 -15.09
CA TYR A 154 5.30 16.63 -14.08
C TYR A 154 6.68 16.47 -14.71
N ARG A 155 6.75 15.66 -15.77
CA ARG A 155 7.97 15.46 -16.53
C ARG A 155 8.38 16.70 -17.31
N GLU A 156 7.47 17.20 -18.15
CA GLU A 156 7.78 18.33 -19.04
C GLU A 156 8.40 19.50 -18.29
N LEU A 157 7.89 19.78 -17.10
CA LEU A 157 8.36 20.91 -16.31
C LEU A 157 9.65 20.67 -15.51
N VAL A 158 10.33 19.54 -15.73
CA VAL A 158 11.63 19.31 -15.11
C VAL A 158 12.58 20.48 -15.41
N VAL A 159 13.39 20.85 -14.42
CA VAL A 159 14.52 21.73 -14.67
C VAL A 159 15.72 20.85 -14.95
N SER A 160 16.09 20.77 -16.21
CA SER A 160 17.21 19.95 -16.66
C SER A 160 18.45 20.81 -16.71
N LEU A 161 19.50 20.36 -16.03
CA LEU A 161 20.71 21.14 -15.90
C LEU A 161 21.92 20.34 -16.33
N ARG A 162 22.74 20.97 -17.16
CA ARG A 162 23.93 20.34 -17.72
C ARG A 162 25.14 21.22 -17.45
N VAL A 163 26.31 20.61 -17.42
CA VAL A 163 27.55 21.34 -17.26
C VAL A 163 27.85 21.95 -18.60
N GLY A 164 28.21 23.22 -18.62
CA GLY A 164 28.47 23.96 -19.87
C GLY A 164 27.29 24.82 -20.30
N MET A 165 26.11 24.46 -19.83
CA MET A 165 24.86 25.13 -20.18
C MET A 165 24.90 26.64 -19.94
N GLU A 166 24.53 27.39 -20.98
CA GLU A 166 24.39 28.84 -20.90
C GLU A 166 23.08 29.20 -20.22
N ILE A 167 23.17 29.77 -19.02
CA ILE A 167 21.99 30.14 -18.25
C ILE A 167 22.43 31.08 -17.14
N GLU A 168 21.61 32.06 -16.82
CA GLU A 168 21.91 32.99 -15.72
C GLU A 168 21.49 32.38 -14.40
N ARG A 169 22.21 32.74 -13.34
CA ARG A 169 21.86 32.29 -11.98
C ARG A 169 20.43 32.69 -11.65
N ASN A 170 20.14 33.98 -11.78
CA ASN A 170 18.81 34.52 -11.47
C ASN A 170 17.67 33.86 -12.26
N ALA A 171 17.98 33.40 -13.47
CA ALA A 171 17.01 32.70 -14.32
C ALA A 171 16.75 31.25 -13.85
N LEU A 172 17.80 30.56 -13.42
CA LEU A 172 17.67 29.25 -12.79
C LEU A 172 16.80 29.37 -11.54
N LEU A 173 17.06 30.40 -10.75
CA LEU A 173 16.27 30.68 -9.55
C LEU A 173 14.80 30.86 -9.88
N ARG A 174 14.54 31.58 -10.96
CA ARG A 174 13.17 31.86 -11.40
C ARG A 174 12.48 30.57 -11.85
N ARG A 175 13.21 29.73 -12.57
CA ARG A 175 12.66 28.46 -13.05
C ARG A 175 12.33 27.51 -11.90
N LEU A 176 13.15 27.53 -10.85
CA LEU A 176 12.90 26.72 -9.66
C LEU A 176 11.67 27.21 -8.89
N VAL A 177 11.54 28.53 -8.77
CA VAL A 177 10.36 29.14 -8.16
C VAL A 177 9.09 28.74 -8.91
N ASP A 178 9.15 28.77 -10.25
CA ASP A 178 8.01 28.39 -11.09
C ASP A 178 7.57 26.93 -10.89
N ILE A 179 8.49 26.07 -10.47
CA ILE A 179 8.15 24.67 -10.16
C ILE A 179 8.07 24.43 -8.65
N GLN A 180 7.95 25.52 -7.91
CA GLN A 180 7.54 25.55 -6.48
C GLN A 180 8.62 25.28 -5.43
N TYR A 181 9.87 25.49 -5.79
CA TYR A 181 10.94 25.52 -4.79
C TYR A 181 10.98 26.92 -4.16
N ASP A 182 11.13 26.97 -2.85
CA ASP A 182 11.23 28.24 -2.13
C ASP A 182 12.69 28.60 -1.92
N ARG A 183 13.06 29.86 -2.18
CA ARG A 183 14.36 30.34 -1.74
C ARG A 183 14.39 30.37 -0.21
N ASN A 184 15.47 29.86 0.35
CA ASN A 184 15.63 29.78 1.79
C ASN A 184 17.11 29.59 2.13
N ASP A 185 17.81 30.71 2.28
CA ASP A 185 19.24 30.70 2.54
C ASP A 185 19.57 30.32 3.97
N ILE A 186 18.59 30.42 4.83
CA ILE A 186 18.80 30.11 6.21
C ILE A 186 18.66 28.64 6.54
N ASP A 187 17.67 27.98 5.96
CA ASP A 187 17.39 26.61 6.31
C ASP A 187 17.97 25.69 5.25
N PHE A 188 18.10 24.41 5.58
CA PHE A 188 18.79 23.49 4.69
C PHE A 188 17.83 22.40 4.30
N ARG A 189 16.68 22.75 3.74
CA ARG A 189 15.65 21.75 3.66
C ARG A 189 14.93 21.45 2.38
N ARG A 190 14.43 20.22 2.35
CA ARG A 190 13.64 19.67 1.27
C ARG A 190 12.66 20.66 0.65
N GLY A 191 12.70 20.75 -0.67
CA GLY A 191 11.79 21.62 -1.42
C GLY A 191 12.20 23.08 -1.41
N THR A 192 13.49 23.34 -1.16
CA THR A 192 14.02 24.70 -1.15
C THR A 192 15.38 24.74 -1.84
N PHE A 193 15.90 25.96 -2.02
CA PHE A 193 17.25 26.14 -2.55
C PHE A 193 17.98 27.29 -1.84
N ARG A 194 19.28 27.11 -1.66
CA ARG A 194 20.16 28.12 -1.07
C ARG A 194 20.91 28.86 -2.16
N VAL A 195 21.23 30.11 -1.88
CA VAL A 195 22.07 30.90 -2.78
C VAL A 195 23.21 31.54 -1.98
N ARG A 196 24.43 31.34 -2.47
CA ARG A 196 25.61 32.04 -1.96
C ARG A 196 26.44 32.46 -3.15
N GLY A 197 26.35 33.74 -3.52
CA GLY A 197 27.05 34.24 -4.69
C GLY A 197 26.81 33.35 -5.88
N ASP A 198 27.87 32.67 -6.31
CA ASP A 198 27.83 31.85 -7.53
C ASP A 198 27.40 30.39 -7.32
N VAL A 199 27.16 29.96 -6.09
CA VAL A 199 26.71 28.57 -5.87
C VAL A 199 25.26 28.52 -5.37
N VAL A 200 24.44 27.79 -6.11
CA VAL A 200 23.05 27.54 -5.74
C VAL A 200 22.93 26.08 -5.34
N GLU A 201 22.40 25.83 -4.15
CA GLU A 201 22.28 24.48 -3.62
C GLU A 201 20.80 24.10 -3.53
N ILE A 202 20.41 23.12 -4.33
CA ILE A 202 19.01 22.73 -4.47
C ILE A 202 18.73 21.45 -3.71
N PHE A 203 17.82 21.54 -2.79
CA PHE A 203 17.16 20.31 -2.25
CA PHE A 203 17.16 20.37 -2.26
C PHE A 203 15.88 19.80 -2.98
N PRO A 204 16.04 18.67 -3.63
CA PRO A 204 14.87 18.19 -4.32
C PRO A 204 13.74 17.84 -3.35
N ALA A 205 12.51 18.02 -3.82
CA ALA A 205 11.33 17.64 -3.06
C ALA A 205 11.36 16.16 -2.65
N SER A 206 12.09 15.35 -3.38
CA SER A 206 12.19 13.91 -3.12
C SER A 206 13.24 13.49 -2.08
N ARG A 207 14.01 14.44 -1.55
CA ARG A 207 15.15 14.10 -0.68
C ARG A 207 15.17 14.93 0.62
N ASP A 208 15.37 14.24 1.75
CA ASP A 208 15.51 14.89 3.06
C ASP A 208 16.95 15.28 3.35
N GLU A 209 17.90 14.50 2.85
CA GLU A 209 19.30 14.56 3.28
C GLU A 209 20.30 14.69 2.14
N HIS A 210 19.82 14.96 0.93
CA HIS A 210 20.68 15.07 -0.23
C HIS A 210 20.32 16.29 -1.03
N SER A 211 21.34 16.95 -1.56
CA SER A 211 21.16 18.18 -2.31
C SER A 211 22.03 18.19 -3.55
N ILE A 212 21.69 19.10 -4.44
CA ILE A 212 22.44 19.32 -5.65
C ILE A 212 23.10 20.69 -5.52
N ARG A 213 24.42 20.71 -5.60
CA ARG A 213 25.19 21.95 -5.57
C ARG A 213 25.56 22.37 -6.99
N VAL A 214 25.00 23.49 -7.43
CA VAL A 214 25.21 23.98 -8.79
C VAL A 214 26.09 25.23 -8.74
N GLU A 215 27.22 25.18 -9.43
CA GLU A 215 28.21 26.26 -9.39
C GLU A 215 28.33 27.00 -10.72
N PHE A 216 28.12 28.32 -10.67
CA PHE A 216 28.17 29.18 -11.84
C PHE A 216 29.50 29.90 -11.95
N PHE A 217 30.05 29.97 -13.16
CA PHE A 217 31.15 30.89 -13.46
C PHE A 217 30.65 31.88 -14.50
N GLY A 218 30.33 33.09 -14.03
CA GLY A 218 29.63 34.08 -14.83
C GLY A 218 28.18 33.63 -15.02
N ASP A 219 27.82 33.36 -16.27
CA ASP A 219 26.47 32.91 -16.63
C ASP A 219 26.54 31.58 -17.39
N GLU A 220 27.32 30.66 -16.81
CA GLU A 220 27.49 29.33 -17.37
C GLU A 220 27.63 28.37 -16.18
N ILE A 221 27.12 27.15 -16.33
CA ILE A 221 27.25 26.14 -15.30
C ILE A 221 28.63 25.51 -15.41
N GLU A 222 29.49 25.84 -14.46
CA GLU A 222 30.85 25.29 -14.41
C GLU A 222 30.86 23.88 -13.83
N ARG A 223 30.05 23.64 -12.80
CA ARG A 223 30.07 22.37 -12.09
C ARG A 223 28.77 22.04 -11.35
N ILE A 224 28.41 20.76 -11.35
CA ILE A 224 27.25 20.25 -10.63
C ILE A 224 27.68 19.09 -9.76
N ARG A 225 27.35 19.17 -8.47
CA ARG A 225 27.71 18.11 -7.52
C ARG A 225 26.54 17.62 -6.70
N GLU A 226 26.52 16.31 -6.42
N GLU A 226 26.55 16.33 -6.41
CA GLU A 226 25.57 15.73 -5.48
CA GLU A 226 25.60 15.72 -5.48
C GLU A 226 26.21 15.72 -4.10
C GLU A 226 26.23 15.74 -4.10
N VAL A 227 25.47 16.20 -3.11
CA VAL A 227 25.98 16.35 -1.74
C VAL A 227 25.10 15.59 -0.75
N ASP A 228 25.73 14.94 0.21
CA ASP A 228 25.04 14.31 1.33
C ASP A 228 24.93 15.37 2.40
N ALA A 229 23.74 15.90 2.57
CA ALA A 229 23.53 17.06 3.46
C ALA A 229 23.67 16.73 4.93
N LEU A 230 23.44 15.48 5.31
CA LEU A 230 23.60 15.06 6.70
C LEU A 230 25.08 15.00 7.07
N THR A 231 25.86 14.26 6.28
CA THR A 231 27.27 14.04 6.56
C THR A 231 28.16 15.17 6.04
N GLY A 232 27.68 15.89 5.04
CA GLY A 232 28.46 16.94 4.38
C GLY A 232 29.33 16.44 3.23
N GLU A 233 29.26 15.14 2.95
CA GLU A 233 30.09 14.53 1.92
C GLU A 233 29.68 15.00 0.53
N VAL A 234 30.66 15.35 -0.29
CA VAL A 234 30.44 15.57 -1.71
C VAL A 234 30.56 14.22 -2.41
N LEU A 235 29.46 13.79 -3.02
CA LEU A 235 29.32 12.43 -3.55
C LEU A 235 29.79 12.25 -4.99
N GLY A 236 29.95 13.35 -5.72
CA GLY A 236 30.35 13.23 -7.11
C GLY A 236 29.94 14.37 -8.01
N GLU A 237 30.56 14.39 -9.18
CA GLU A 237 30.30 15.38 -10.20
C GLU A 237 29.23 14.80 -11.11
N ARG A 238 28.41 15.67 -11.67
CA ARG A 238 27.39 15.24 -12.62
C ARG A 238 27.51 16.09 -13.89
N GLU A 239 27.39 15.47 -15.03
CA GLU A 239 27.36 16.23 -16.25
C GLU A 239 25.95 16.74 -16.39
N HIS A 240 25.01 15.94 -15.98
CA HIS A 240 23.60 16.27 -16.14
C HIS A 240 22.79 15.90 -14.89
N VAL A 241 21.84 16.76 -14.54
CA VAL A 241 20.94 16.48 -13.41
C VAL A 241 19.52 16.92 -13.77
N ALA A 242 18.54 16.26 -13.16
CA ALA A 242 17.12 16.57 -13.37
C ALA A 242 16.43 16.92 -12.06
N ILE A 243 15.87 18.14 -11.99
CA ILE A 243 15.11 18.59 -10.82
C ILE A 243 13.62 18.59 -11.12
N PHE A 244 12.86 17.79 -10.37
CA PHE A 244 11.43 17.63 -10.62
C PHE A 244 10.58 18.59 -9.80
N PRO A 245 9.40 18.99 -10.30
CA PRO A 245 8.56 19.95 -9.59
C PRO A 245 8.29 19.57 -8.14
N ALA A 246 8.22 20.56 -7.27
CA ALA A 246 8.05 20.33 -5.83
C ALA A 246 6.61 20.07 -5.42
N SER A 247 5.71 20.08 -6.41
CA SER A 247 4.33 19.65 -6.23
C SER A 247 3.87 18.89 -7.46
N HIS A 248 2.91 17.99 -7.29
CA HIS A 248 2.37 17.22 -8.41
C HIS A 248 1.23 17.95 -9.14
N PHE A 249 0.95 19.19 -8.74
CA PHE A 249 -0.13 19.99 -9.34
C PHE A 249 0.39 21.30 -9.93
N VAL A 250 1.66 21.31 -10.30
CA VAL A 250 2.29 22.48 -10.91
C VAL A 250 1.93 22.53 -12.39
N THR A 251 1.61 23.72 -12.88
CA THR A 251 1.39 23.93 -14.31
C THR A 251 2.07 25.23 -14.74
N ARG A 252 2.15 25.43 -16.05
CA ARG A 252 2.63 26.68 -16.61
C ARG A 252 1.73 27.82 -16.14
N GLU A 253 2.27 29.03 -16.11
CA GLU A 253 1.56 30.20 -15.59
C GLU A 253 0.29 30.55 -16.38
N GLU A 254 0.32 30.33 -17.69
CA GLU A 254 -0.82 30.63 -18.54
C GLU A 254 -1.98 29.69 -18.23
N LYS A 255 -1.70 28.40 -18.25
CA LYS A 255 -2.66 27.35 -17.91
C LYS A 255 -3.27 27.63 -16.52
N MET A 256 -2.41 28.01 -15.59
CA MET A 256 -2.77 28.31 -14.21
C MET A 256 -3.74 29.48 -14.11
N ARG A 257 -3.50 30.51 -14.92
CA ARG A 257 -4.38 31.69 -14.96
C ARG A 257 -5.76 31.32 -15.48
N LEU A 258 -5.80 30.49 -16.51
CA LEU A 258 -7.06 30.01 -17.07
C LEU A 258 -7.81 29.12 -16.09
N ALA A 259 -7.09 28.29 -15.36
CA ALA A 259 -7.68 27.49 -14.28
C ALA A 259 -8.38 28.41 -13.28
N ILE A 260 -7.63 29.39 -12.79
CA ILE A 260 -8.18 30.41 -11.87
C ILE A 260 -9.48 31.02 -12.40
N GLN A 261 -9.50 31.36 -13.69
CA GLN A 261 -10.69 31.96 -14.30
C GLN A 261 -11.88 31.00 -14.32
N ASN A 262 -11.63 29.75 -14.67
CA ASN A 262 -12.68 28.72 -14.65
C ASN A 262 -13.24 28.52 -13.25
N ILE A 263 -12.36 28.43 -12.26
CA ILE A 263 -12.76 28.28 -10.86
C ILE A 263 -13.66 29.46 -10.44
N GLU A 264 -13.26 30.68 -10.81
CA GLU A 264 -13.99 31.89 -10.45
C GLU A 264 -15.38 31.94 -11.08
N GLN A 265 -15.47 31.53 -12.35
CA GLN A 265 -16.78 31.46 -13.03
C GLN A 265 -17.69 30.38 -12.44
N GLU A 266 -17.12 29.23 -12.09
CA GLU A 266 -17.91 28.18 -11.45
C GLU A 266 -18.46 28.66 -10.10
N LEU A 267 -17.60 29.31 -9.31
CA LEU A 267 -18.00 29.82 -8.00
C LEU A 267 -19.15 30.81 -8.12
N GLU A 268 -19.10 31.65 -9.15
CA GLU A 268 -20.13 32.66 -9.36
C GLU A 268 -21.49 32.00 -9.56
N GLU A 269 -21.54 31.01 -10.44
CA GLU A 269 -22.80 30.36 -10.79
C GLU A 269 -23.38 29.55 -9.64
N ARG A 270 -22.52 28.86 -8.89
CA ARG A 270 -22.97 28.07 -7.74
C ARG A 270 -23.43 28.98 -6.58
N LEU A 271 -22.69 30.06 -6.35
CA LEU A 271 -23.10 31.04 -5.34
C LEU A 271 -24.47 31.64 -5.66
N ALA A 272 -24.68 32.00 -6.93
CA ALA A 272 -25.97 32.50 -7.39
C ALA A 272 -27.06 31.43 -7.27
N GLU A 273 -26.71 30.20 -7.64
CA GLU A 273 -27.63 29.07 -7.52
C GLU A 273 -28.07 28.86 -6.08
N LEU A 274 -27.10 28.78 -5.17
CA LEU A 274 -27.37 28.54 -3.74
C LEU A 274 -28.20 29.66 -3.12
N ARG A 275 -27.92 30.89 -3.50
CA ARG A 275 -28.68 32.04 -3.01
C ARG A 275 -30.09 32.08 -3.58
N ALA A 276 -30.24 31.77 -4.86
CA ALA A 276 -31.56 31.63 -5.47
C ALA A 276 -32.42 30.63 -4.68
N GLN A 277 -31.80 29.57 -4.20
CA GLN A 277 -32.46 28.56 -3.37
C GLN A 277 -32.63 28.98 -1.90
N GLY A 278 -32.14 30.16 -1.53
CA GLY A 278 -32.21 30.62 -0.16
C GLY A 278 -31.28 29.88 0.79
N LYS A 279 -30.22 29.28 0.24
CA LYS A 279 -29.20 28.61 1.04
C LYS A 279 -28.03 29.57 1.26
N LEU A 280 -28.32 30.64 2.00
CA LEU A 280 -27.38 31.75 2.19
C LEU A 280 -26.21 31.38 3.10
N LEU A 281 -26.47 30.54 4.09
CA LEU A 281 -25.42 30.00 4.96
C LEU A 281 -24.39 29.24 4.14
N GLU A 282 -24.89 28.34 3.29
CA GLU A 282 -24.07 27.50 2.42
C GLU A 282 -23.25 28.34 1.44
N ALA A 283 -23.90 29.36 0.88
CA ALA A 283 -23.25 30.27 -0.05
C ALA A 283 -22.11 31.01 0.63
N GLN A 284 -22.37 31.50 1.83
CA GLN A 284 -21.37 32.22 2.63
C GLN A 284 -20.17 31.32 2.87
N ARG A 285 -20.46 30.11 3.32
CA ARG A 285 -19.45 29.10 3.63
C ARG A 285 -18.58 28.80 2.40
N LEU A 286 -19.22 28.61 1.25
CA LEU A 286 -18.52 28.28 0.02
C LEU A 286 -17.63 29.42 -0.44
N GLU A 287 -18.20 30.62 -0.50
CA GLU A 287 -17.46 31.82 -0.92
C GLU A 287 -16.23 32.05 -0.05
N GLN A 288 -16.41 31.92 1.26
CA GLN A 288 -15.34 32.14 2.23
C GLN A 288 -14.17 31.18 2.02
N ARG A 289 -14.47 29.90 2.01
CA ARG A 289 -13.45 28.86 1.84
C ARG A 289 -12.76 28.91 0.47
N THR A 290 -13.53 29.20 -0.58
CA THR A 290 -12.98 29.26 -1.93
C THR A 290 -12.06 30.47 -2.10
N ARG A 291 -12.53 31.64 -1.66
CA ARG A 291 -11.72 32.87 -1.69
C ARG A 291 -10.39 32.68 -0.96
N TYR A 292 -10.46 32.08 0.22
CA TYR A 292 -9.29 31.76 1.03
C TYR A 292 -8.32 30.85 0.27
N ASP A 293 -8.87 29.83 -0.39
CA ASP A 293 -8.06 28.93 -1.24
C ASP A 293 -7.45 29.69 -2.42
N LEU A 294 -8.26 30.54 -3.06
CA LEU A 294 -7.79 31.36 -4.19
C LEU A 294 -6.72 32.37 -3.79
N GLU A 295 -6.75 32.83 -2.54
CA GLU A 295 -5.72 33.71 -1.98
C GLU A 295 -4.32 33.08 -2.13
N MET A 296 -4.25 31.78 -1.91
CA MET A 296 -3.00 31.03 -1.98
C MET A 296 -2.77 30.42 -3.37
N MET A 297 -3.43 30.98 -4.37
CA MET A 297 -3.20 30.61 -5.75
C MET A 297 -2.38 31.69 -6.46
N ARG A 298 -1.68 32.38 -5.57
CA ARG A 298 -0.74 33.40 -5.87
C ARG A 298 0.43 33.29 -4.92
N GLU A 299 0.15 32.93 -3.69
CA GLU A 299 1.11 32.87 -2.58
C GLU A 299 1.81 31.52 -2.40
N MET A 300 1.10 30.42 -2.71
CA MET A 300 1.68 29.06 -2.58
C MET A 300 0.68 27.97 -2.99
N SER A 303 -2.35 25.69 -2.34
CA SER A 303 -2.82 25.65 -0.98
C SER A 303 -2.91 24.22 -0.49
N SER A 304 -3.67 24.00 0.56
CA SER A 304 -3.90 22.68 1.10
C SER A 304 -5.32 22.37 0.73
N GLY A 305 -5.56 21.15 0.27
CA GLY A 305 -6.87 20.83 -0.24
C GLY A 305 -7.01 21.29 -1.68
N ILE A 306 -5.89 21.56 -2.35
CA ILE A 306 -5.84 22.00 -3.72
C ILE A 306 -6.28 20.93 -4.72
N GLU A 307 -6.17 19.67 -4.33
CA GLU A 307 -6.62 18.57 -5.09
C GLU A 307 -8.06 18.79 -5.51
N ASN A 308 -8.87 19.36 -4.63
CA ASN A 308 -10.28 19.64 -4.95
C ASN A 308 -10.48 20.44 -6.24
N TYR A 309 -9.46 21.17 -6.65
CA TYR A 309 -9.48 21.96 -7.88
C TYR A 309 -8.73 21.29 -9.04
N SER A 310 -8.40 20.00 -8.88
CA SER A 310 -7.53 19.32 -9.84
C SER A 310 -8.02 19.43 -11.27
N ARG A 311 -9.33 19.26 -11.48
CA ARG A 311 -9.90 19.26 -12.82
C ARG A 311 -9.74 20.60 -13.51
N HIS A 312 -9.97 21.67 -12.77
CA HIS A 312 -9.74 23.02 -13.30
C HIS A 312 -8.25 23.29 -13.51
N LEU A 313 -7.41 22.84 -12.59
CA LEU A 313 -5.96 23.04 -12.74
C LEU A 313 -5.41 22.39 -14.00
N ALA A 314 -5.97 21.24 -14.36
CA ALA A 314 -5.60 20.54 -15.58
C ALA A 314 -6.38 21.01 -16.81
N LEU A 315 -7.38 21.89 -16.60
CA LEU A 315 -8.26 22.36 -17.69
C LEU A 315 -9.00 21.23 -18.41
N ARG A 316 -9.30 20.16 -17.69
CA ARG A 316 -9.91 18.98 -18.31
C ARG A 316 -11.43 18.95 -18.19
N PRO A 317 -12.10 18.20 -19.09
CA PRO A 317 -13.56 18.20 -19.11
C PRO A 317 -14.20 17.66 -17.83
N PRO A 318 -15.44 18.10 -17.52
CA PRO A 318 -16.19 17.48 -16.43
C PRO A 318 -16.40 16.00 -16.69
N GLY A 319 -16.31 15.20 -15.62
CA GLY A 319 -16.45 13.74 -15.72
C GLY A 319 -15.19 13.00 -16.17
N SER A 320 -14.11 13.74 -16.41
CA SER A 320 -12.84 13.16 -16.83
C SER A 320 -12.26 12.19 -15.81
N THR A 321 -11.66 11.12 -16.30
CA THR A 321 -10.93 10.19 -15.45
C THR A 321 -9.78 10.95 -14.80
N PRO A 322 -9.61 10.82 -13.48
CA PRO A 322 -8.49 11.49 -12.82
C PRO A 322 -7.14 10.86 -13.14
N TYR A 323 -6.08 11.65 -12.98
CA TYR A 323 -4.73 11.13 -13.04
C TYR A 323 -4.42 10.40 -11.75
N THR A 324 -3.66 9.32 -11.86
CA THR A 324 -3.30 8.50 -10.71
C THR A 324 -1.86 8.09 -10.83
N LEU A 325 -1.36 7.41 -9.81
CA LEU A 325 -0.01 6.86 -9.80
C LEU A 325 0.22 5.94 -10.98
N LEU A 326 -0.79 5.17 -11.35
CA LEU A 326 -0.71 4.24 -12.49
C LEU A 326 -0.26 4.95 -13.75
N ASP A 327 -0.73 6.17 -13.94
CA ASP A 327 -0.42 6.95 -15.14
C ASP A 327 1.01 7.50 -15.18
N TYR A 328 1.68 7.51 -14.03
CA TYR A 328 3.08 7.92 -13.97
C TYR A 328 4.01 6.80 -14.43
N PHE A 329 3.52 5.56 -14.37
CA PHE A 329 4.28 4.41 -14.86
C PHE A 329 4.31 4.41 -16.39
N PRO A 330 5.36 3.82 -16.97
CA PRO A 330 5.33 3.55 -18.42
C PRO A 330 4.24 2.52 -18.76
N ASP A 331 3.91 2.41 -20.05
CA ASP A 331 2.80 1.57 -20.53
CA ASP A 331 2.78 1.57 -20.46
C ASP A 331 3.09 0.08 -20.42
N ASP A 332 4.36 -0.31 -20.39
CA ASP A 332 4.73 -1.73 -20.25
C ASP A 332 4.93 -2.17 -18.79
N PHE A 333 4.35 -1.43 -17.85
CA PHE A 333 4.52 -1.72 -16.42
C PHE A 333 3.75 -2.93 -15.93
N LEU A 334 4.12 -3.39 -14.74
CA LEU A 334 3.53 -4.54 -14.08
C LEU A 334 2.84 -4.10 -12.80
N ILE A 335 1.66 -4.67 -12.54
CA ILE A 335 0.93 -4.45 -11.30
C ILE A 335 0.85 -5.75 -10.52
N ILE A 336 1.15 -5.67 -9.22
CA ILE A 336 0.91 -6.77 -8.30
C ILE A 336 -0.16 -6.34 -7.32
N VAL A 337 -1.23 -7.12 -7.24
CA VAL A 337 -2.29 -6.87 -6.26
C VAL A 337 -2.17 -7.86 -5.10
N ASP A 338 -1.70 -7.37 -3.96
CA ASP A 338 -1.55 -8.17 -2.75
C ASP A 338 -2.89 -8.32 -2.03
N GLU A 339 -3.14 -9.51 -1.48
CA GLU A 339 -4.43 -9.87 -0.86
C GLU A 339 -5.58 -9.44 -1.77
N SER A 340 -5.51 -9.90 -3.02
CA SER A 340 -6.38 -9.42 -4.10
C SER A 340 -7.87 -9.58 -3.84
N HIS A 341 -8.24 -10.60 -3.09
CA HIS A 341 -9.63 -10.88 -2.74
C HIS A 341 -10.29 -9.79 -1.87
N VAL A 342 -9.49 -9.07 -1.10
CA VAL A 342 -9.96 -7.91 -0.33
C VAL A 342 -9.66 -6.59 -1.06
N THR A 343 -8.47 -6.49 -1.62
CA THR A 343 -8.02 -5.28 -2.31
C THR A 343 -8.93 -4.84 -3.46
N LEU A 344 -9.32 -5.76 -4.34
CA LEU A 344 -10.15 -5.41 -5.49
C LEU A 344 -11.57 -4.90 -5.14
N PRO A 345 -12.28 -5.59 -4.22
CA PRO A 345 -13.56 -5.05 -3.77
C PRO A 345 -13.45 -3.69 -3.07
N GLN A 346 -12.35 -3.45 -2.36
CA GLN A 346 -12.11 -2.13 -1.77
C GLN A 346 -11.95 -1.08 -2.87
N LEU A 347 -11.22 -1.45 -3.92
CA LEU A 347 -11.01 -0.59 -5.08
C LEU A 347 -12.35 -0.30 -5.79
N ARG A 348 -13.15 -1.35 -5.99
CA ARG A 348 -14.46 -1.24 -6.64
C ARG A 348 -15.43 -0.25 -5.96
N GLY A 349 -15.46 -0.27 -4.63
CA GLY A 349 -16.44 0.51 -3.87
C GLY A 349 -16.07 1.96 -3.56
N MET A 350 -14.85 2.36 -3.91
CA MET A 350 -14.34 3.69 -3.54
C MET A 350 -15.02 4.84 -4.27
N TYR A 351 -15.31 4.66 -5.55
CA TYR A 351 -15.96 5.69 -6.35
C TYR A 351 -17.29 6.12 -5.74
N ASN A 352 -18.21 5.17 -5.57
CA ASN A 352 -19.54 5.48 -5.04
C ASN A 352 -19.48 6.05 -3.64
N GLY A 353 -18.58 5.50 -2.82
CA GLY A 353 -18.37 5.99 -1.46
C GLY A 353 -17.88 7.42 -1.42
N ASP A 354 -16.85 7.71 -2.20
CA ASP A 354 -16.28 9.05 -2.30
C ASP A 354 -17.26 10.04 -2.94
N ARG A 355 -17.93 9.62 -4.02
CA ARG A 355 -18.92 10.46 -4.71
C ARG A 355 -20.04 10.93 -3.77
N ALA A 356 -20.48 10.03 -2.90
CA ALA A 356 -21.58 10.33 -1.99
C ALA A 356 -21.18 11.29 -0.87
N ARG A 357 -19.98 11.12 -0.31
CA ARG A 357 -19.46 12.07 0.68
C ARG A 357 -19.24 13.44 0.08
N LYS A 358 -18.64 13.47 -1.10
CA LYS A 358 -18.31 14.74 -1.75
C LYS A 358 -19.57 15.50 -2.12
N GLN A 359 -20.60 14.77 -2.55
CA GLN A 359 -21.86 15.39 -2.93
C GLN A 359 -22.51 16.16 -1.78
N VAL A 360 -22.40 15.67 -0.56
CA VAL A 360 -23.02 16.35 0.58
C VAL A 360 -22.18 17.57 0.95
N LEU A 361 -20.87 17.46 0.79
CA LEU A 361 -19.98 18.63 0.90
C LEU A 361 -20.35 19.71 -0.10
N VAL A 362 -20.72 19.31 -1.32
CA VAL A 362 -21.21 20.24 -2.34
C VAL A 362 -22.57 20.82 -1.96
N ASP A 363 -23.44 19.99 -1.41
CA ASP A 363 -24.76 20.43 -0.95
C ASP A 363 -24.67 21.47 0.17
N HIS A 364 -23.85 21.21 1.16
CA HIS A 364 -23.67 22.14 2.29
C HIS A 364 -22.76 23.33 1.95
N GLY A 365 -22.30 23.42 0.71
CA GLY A 365 -21.44 24.54 0.31
C GLY A 365 -20.03 24.51 0.85
N PHE A 366 -19.50 23.31 1.12
CA PHE A 366 -18.10 23.16 1.52
C PHE A 366 -17.18 23.10 0.31
N ARG A 367 -17.72 22.64 -0.83
CA ARG A 367 -16.95 22.48 -2.06
C ARG A 367 -17.77 22.82 -3.30
N LEU A 368 -17.07 23.23 -4.36
CA LEU A 368 -17.68 23.43 -5.68
C LEU A 368 -18.05 22.08 -6.32
N PRO A 369 -19.04 22.07 -7.24
CA PRO A 369 -19.40 20.83 -7.94
C PRO A 369 -18.22 20.15 -8.64
N SER A 370 -17.27 20.94 -9.15
CA SER A 370 -16.06 20.39 -9.79
C SER A 370 -15.17 19.57 -8.86
N ALA A 371 -15.39 19.68 -7.55
CA ALA A 371 -14.67 18.86 -6.58
C ALA A 371 -15.01 17.37 -6.70
N LEU A 372 -16.16 17.05 -7.29
CA LEU A 372 -16.54 15.66 -7.57
C LEU A 372 -15.61 14.98 -8.59
N ASP A 373 -15.00 15.78 -9.45
CA ASP A 373 -13.99 15.27 -10.38
C ASP A 373 -12.65 14.96 -9.72
N ASN A 374 -12.44 15.45 -8.49
CA ASN A 374 -11.31 15.00 -7.67
C ASN A 374 -11.71 13.76 -6.90
N ARG A 375 -11.46 12.60 -7.51
CA ARG A 375 -12.06 11.35 -7.08
C ARG A 375 -11.17 10.14 -7.35
N PRO A 376 -11.56 8.99 -6.80
CA PRO A 376 -10.91 7.75 -7.20
C PRO A 376 -11.41 7.27 -8.56
N LEU A 377 -10.68 6.32 -9.13
CA LEU A 377 -11.07 5.69 -10.38
C LEU A 377 -12.29 4.82 -10.15
N THR A 378 -13.14 4.71 -11.17
CA THR A 378 -14.11 3.62 -11.23
C THR A 378 -13.31 2.33 -11.42
N PHE A 379 -13.89 1.20 -11.09
CA PHE A 379 -13.21 -0.07 -11.30
C PHE A 379 -12.91 -0.27 -12.79
N GLU A 380 -13.84 0.15 -13.64
CA GLU A 380 -13.68 0.06 -15.08
C GLU A 380 -12.50 0.91 -15.57
N GLU A 381 -12.32 2.10 -14.98
CA GLU A 381 -11.18 2.96 -15.34
C GLU A 381 -9.86 2.31 -14.96
N PHE A 382 -9.83 1.67 -13.80
CA PHE A 382 -8.69 0.87 -13.37
C PHE A 382 -8.34 -0.21 -14.38
N GLU A 383 -9.36 -0.92 -14.88
CA GLU A 383 -9.18 -1.95 -15.90
C GLU A 383 -8.55 -1.39 -17.17
N GLN A 384 -9.02 -0.23 -17.63
CA GLN A 384 -8.45 0.43 -18.82
C GLN A 384 -6.95 0.74 -18.68
N LYS A 385 -6.50 0.92 -17.44
CA LYS A 385 -5.11 1.30 -17.15
C LYS A 385 -4.16 0.12 -16.96
N ILE A 386 -4.70 -1.09 -16.84
CA ILE A 386 -3.87 -2.29 -16.70
C ILE A 386 -3.11 -2.62 -17.98
N ASN A 387 -1.81 -2.89 -17.83
CA ASN A 387 -1.05 -3.52 -18.91
C ASN A 387 -1.01 -5.01 -18.66
N GLN A 388 -0.24 -5.44 -17.66
CA GLN A 388 -0.24 -6.81 -17.18
C GLN A 388 -0.31 -6.80 -15.66
N ILE A 389 -1.01 -7.78 -15.11
CA ILE A 389 -1.32 -7.81 -13.70
C ILE A 389 -1.23 -9.23 -13.14
N ILE A 390 -0.78 -9.32 -11.89
CA ILE A 390 -0.77 -10.58 -11.16
C ILE A 390 -1.50 -10.37 -9.82
N TYR A 391 -2.51 -11.19 -9.59
CA TYR A 391 -3.25 -11.18 -8.34
C TYR A 391 -2.66 -12.21 -7.39
N VAL A 392 -2.49 -11.82 -6.13
CA VAL A 392 -1.83 -12.63 -5.11
C VAL A 392 -2.78 -12.85 -3.95
N SER A 393 -3.14 -14.11 -3.70
CA SER A 393 -4.02 -14.44 -2.58
C SER A 393 -3.99 -15.93 -2.23
N ALA A 394 -4.08 -16.22 -0.94
CA ALA A 394 -4.34 -17.58 -0.46
C ALA A 394 -5.78 -17.99 -0.77
N THR A 395 -6.63 -16.99 -1.00
CA THR A 395 -8.04 -17.22 -1.33
C THR A 395 -8.54 -16.21 -2.37
N PRO A 396 -8.13 -16.37 -3.64
CA PRO A 396 -8.49 -15.46 -4.71
C PRO A 396 -10.01 -15.30 -4.92
N GLY A 397 -10.46 -14.05 -5.05
CA GLY A 397 -11.85 -13.75 -5.36
C GLY A 397 -12.24 -14.18 -6.77
N PRO A 398 -13.54 -14.09 -7.10
CA PRO A 398 -14.07 -14.54 -8.38
C PRO A 398 -13.55 -13.75 -9.57
N TYR A 399 -13.40 -12.45 -9.40
CA TYR A 399 -12.87 -11.60 -10.46
C TYR A 399 -11.53 -12.13 -10.95
N GLU A 400 -10.62 -12.38 -10.00
CA GLU A 400 -9.29 -12.88 -10.34
C GLU A 400 -9.35 -14.17 -11.16
N LEU A 401 -10.20 -15.11 -10.73
CA LEU A 401 -10.28 -16.44 -11.35
C LEU A 401 -10.88 -16.39 -12.75
N GLU A 402 -11.88 -15.53 -12.92
CA GLU A 402 -12.60 -15.41 -14.18
C GLU A 402 -11.74 -14.81 -15.29
N HIS A 403 -10.81 -13.93 -14.91
CA HIS A 403 -9.95 -13.22 -15.86
C HIS A 403 -8.59 -13.90 -16.06
N SER A 404 -8.16 -14.72 -15.10
CA SER A 404 -6.90 -15.46 -15.19
C SER A 404 -7.10 -16.86 -15.78
N PRO A 405 -6.19 -17.30 -16.67
CA PRO A 405 -6.29 -18.65 -17.22
C PRO A 405 -5.83 -19.71 -16.21
N GLY A 406 -6.75 -20.14 -15.36
CA GLY A 406 -6.41 -21.04 -14.26
C GLY A 406 -5.56 -20.29 -13.25
N VAL A 407 -4.88 -21.02 -12.40
CA VAL A 407 -4.06 -20.40 -11.37
C VAL A 407 -2.67 -21.03 -11.28
N VAL A 408 -1.72 -20.22 -10.86
CA VAL A 408 -0.39 -20.70 -10.52
C VAL A 408 -0.46 -21.01 -9.02
N GLU A 409 -0.41 -22.31 -8.72
CA GLU A 409 -0.59 -22.80 -7.37
C GLU A 409 0.76 -22.94 -6.66
N GLN A 410 0.78 -22.61 -5.37
CA GLN A 410 1.99 -22.63 -4.56
C GLN A 410 1.62 -23.03 -3.14
N ILE A 411 2.00 -24.24 -2.77
CA ILE A 411 1.47 -24.92 -1.58
C ILE A 411 2.54 -25.40 -0.59
N ILE A 412 3.78 -25.52 -1.04
CA ILE A 412 4.84 -26.09 -0.22
C ILE A 412 5.70 -24.99 0.37
N ARG A 413 5.85 -25.02 1.69
CA ARG A 413 6.57 -23.99 2.43
C ARG A 413 8.05 -24.36 2.50
N PRO A 414 8.94 -23.41 2.20
CA PRO A 414 10.38 -23.60 2.38
C PRO A 414 10.79 -24.02 3.80
N THR A 415 9.89 -23.81 4.75
CA THR A 415 10.10 -24.15 6.16
C THR A 415 9.68 -25.58 6.47
N GLY A 416 8.93 -26.18 5.55
CA GLY A 416 8.36 -27.51 5.74
C GLY A 416 7.00 -27.54 6.41
N LEU A 417 6.58 -26.42 7.01
CA LEU A 417 5.36 -26.39 7.82
C LEU A 417 4.12 -26.84 7.05
N LEU A 418 3.21 -27.46 7.79
CA LEU A 418 2.05 -28.13 7.20
C LEU A 418 0.77 -27.35 7.50
N ASP A 419 -0.19 -27.40 6.58
CA ASP A 419 -1.55 -26.99 6.89
C ASP A 419 -2.00 -27.76 8.12
N PRO A 420 -2.78 -27.12 9.00
CA PRO A 420 -3.03 -27.73 10.30
C PRO A 420 -4.11 -28.81 10.23
N THR A 421 -4.20 -29.59 11.31
CA THR A 421 -5.28 -30.54 11.51
C THR A 421 -6.52 -29.81 11.99
N ILE A 422 -7.68 -30.35 11.64
CA ILE A 422 -8.96 -29.75 12.01
C ILE A 422 -9.91 -30.77 12.63
N ASP A 423 -10.37 -30.47 13.84
CA ASP A 423 -11.50 -31.16 14.44
C ASP A 423 -12.73 -30.29 14.35
N VAL A 424 -13.88 -30.93 14.11
CA VAL A 424 -15.17 -30.31 14.33
C VAL A 424 -15.70 -30.86 15.65
N ARG A 425 -16.10 -29.97 16.55
CA ARG A 425 -16.61 -30.36 17.87
C ARG A 425 -17.95 -29.65 18.15
N PRO A 426 -18.84 -30.28 18.93
CA PRO A 426 -20.17 -29.69 19.10
C PRO A 426 -20.21 -28.48 20.02
N THR A 427 -21.28 -27.69 19.90
CA THR A 427 -21.45 -26.47 20.68
C THR A 427 -21.63 -26.68 22.18
N LYS A 428 -22.09 -27.86 22.58
CA LYS A 428 -22.38 -28.15 23.99
C LYS A 428 -21.11 -28.19 24.83
N GLY A 429 -21.07 -27.36 25.87
CA GLY A 429 -19.91 -27.27 26.76
C GLY A 429 -18.63 -26.87 26.06
N GLN A 430 -18.77 -26.24 24.89
CA GLN A 430 -17.64 -25.84 24.05
C GLN A 430 -16.67 -24.91 24.79
N ILE A 431 -17.23 -24.06 25.65
CA ILE A 431 -16.44 -23.07 26.38
C ILE A 431 -15.55 -23.75 27.43
N ASP A 432 -16.06 -24.80 28.07
CA ASP A 432 -15.27 -25.63 28.97
C ASP A 432 -14.21 -26.42 28.20
N ASP A 433 -14.61 -26.94 27.04
CA ASP A 433 -13.71 -27.69 26.17
C ASP A 433 -12.54 -26.83 25.67
N LEU A 434 -12.87 -25.61 25.27
CA LEU A 434 -11.87 -24.64 24.80
C LEU A 434 -10.86 -24.29 25.89
N ILE A 435 -11.35 -24.07 27.10
CA ILE A 435 -10.50 -23.66 28.23
C ILE A 435 -9.46 -24.71 28.58
N GLY A 436 -9.89 -25.97 28.66
CA GLY A 436 -8.99 -27.07 28.94
C GLY A 436 -7.94 -27.22 27.86
N GLU A 437 -8.39 -27.11 26.62
CA GLU A 437 -7.54 -27.15 25.44
C GLU A 437 -6.48 -26.03 25.49
N ILE A 438 -6.92 -24.84 25.88
CA ILE A 438 -6.03 -23.68 26.06
C ILE A 438 -5.00 -23.90 27.17
N ARG A 439 -5.45 -24.43 28.30
CA ARG A 439 -4.56 -24.69 29.44
C ARG A 439 -3.38 -25.58 29.08
N GLU A 440 -3.63 -26.56 28.21
CA GLU A 440 -2.59 -27.44 27.69
C GLU A 440 -1.53 -26.65 26.92
N ARG A 441 -1.98 -25.69 26.11
CA ARG A 441 -1.08 -24.84 25.32
C ARG A 441 -0.18 -23.96 26.19
N VAL A 442 -0.74 -23.42 27.27
CA VAL A 442 0.04 -22.56 28.18
C VAL A 442 1.19 -23.34 28.81
N GLU A 443 0.94 -24.61 29.13
CA GLU A 443 1.98 -25.50 29.67
C GLU A 443 3.02 -25.86 28.60
N ARG A 444 2.59 -25.87 27.34
CA ARG A 444 3.51 -26.04 26.20
C ARG A 444 4.14 -24.72 25.74
N ASN A 445 3.92 -23.64 26.49
CA ASN A 445 4.38 -22.29 26.12
C ASN A 445 3.91 -21.86 24.73
N GLU A 446 2.66 -22.17 24.41
CA GLU A 446 2.09 -21.87 23.11
C GLU A 446 0.85 -20.98 23.26
N ARG A 447 0.54 -20.23 22.19
CA ARG A 447 -0.55 -19.27 22.19
C ARG A 447 -1.78 -19.82 21.48
N THR A 448 -2.92 -19.17 21.74
CA THR A 448 -4.19 -19.55 21.15
C THR A 448 -4.90 -18.32 20.57
N LEU A 449 -5.52 -18.49 19.40
CA LEU A 449 -6.40 -17.47 18.81
C LEU A 449 -7.84 -17.98 18.76
N VAL A 450 -8.79 -17.10 19.12
CA VAL A 450 -10.22 -17.43 19.13
C VAL A 450 -11.01 -16.40 18.33
N THR A 451 -11.97 -16.86 17.51
CA THR A 451 -12.82 -15.95 16.74
C THR A 451 -14.32 -16.22 16.92
N THR A 452 -15.03 -15.22 17.43
CA THR A 452 -16.48 -15.25 17.57
C THR A 452 -17.16 -14.47 16.43
N LEU A 453 -18.50 -14.47 16.43
CA LEU A 453 -19.29 -13.73 15.44
C LEU A 453 -19.50 -12.26 15.79
N THR A 454 -19.60 -11.95 17.08
CA THR A 454 -20.07 -10.65 17.54
C THR A 454 -19.17 -10.04 18.62
N LYS A 455 -19.18 -8.71 18.70
CA LYS A 455 -18.46 -7.98 19.75
C LYS A 455 -18.95 -8.38 21.14
N LYS A 456 -20.25 -8.63 21.24
CA LYS A 456 -20.89 -9.06 22.47
C LYS A 456 -20.30 -10.36 23.00
N MET A 457 -20.34 -11.40 22.18
CA MET A 457 -19.88 -12.73 22.58
C MET A 457 -18.39 -12.73 22.88
N ALA A 458 -17.62 -12.02 22.06
CA ALA A 458 -16.19 -11.83 22.28
C ALA A 458 -15.92 -11.25 23.67
N GLU A 459 -16.71 -10.24 24.04
CA GLU A 459 -16.60 -9.59 25.35
C GLU A 459 -16.86 -10.56 26.50
N ASP A 460 -17.98 -11.27 26.42
CA ASP A 460 -18.33 -12.30 27.40
C ASP A 460 -17.21 -13.31 27.51
N LEU A 461 -16.84 -13.87 26.36
CA LEU A 461 -15.84 -14.93 26.29
C LEU A 461 -14.52 -14.53 26.93
N THR A 462 -14.09 -13.28 26.72
CA THR A 462 -12.81 -12.80 27.27
C THR A 462 -12.81 -12.72 28.79
N ASP A 463 -13.99 -12.60 29.39
CA ASP A 463 -14.12 -12.59 30.84
C ASP A 463 -14.11 -14.01 31.38
N TYR A 464 -15.00 -14.83 30.85
CA TYR A 464 -14.96 -16.27 31.10
C TYR A 464 -13.52 -16.74 31.25
N LEU A 465 -12.67 -16.35 30.31
CA LEU A 465 -11.26 -16.73 30.31
C LEU A 465 -10.46 -16.03 31.41
N LYS A 466 -10.72 -14.75 31.63
CA LYS A 466 -10.14 -14.02 32.78
C LYS A 466 -10.64 -14.60 34.12
N GLU A 467 -11.89 -15.09 34.13
CA GLU A 467 -12.47 -15.74 35.31
C GLU A 467 -11.74 -17.06 35.60
N ALA A 468 -11.45 -17.81 34.55
CA ALA A 468 -10.72 -19.08 34.67
C ALA A 468 -9.19 -18.88 34.73
N GLY A 469 -8.75 -17.64 34.91
CA GLY A 469 -7.33 -17.34 35.16
C GLY A 469 -6.43 -17.30 33.95
N ILE A 470 -7.02 -17.31 32.75
CA ILE A 470 -6.26 -17.29 31.50
C ILE A 470 -5.90 -15.86 31.16
N LYS A 471 -4.61 -15.62 30.91
CA LYS A 471 -4.13 -14.30 30.48
C LYS A 471 -4.51 -14.08 29.02
N VAL A 472 -5.37 -13.09 28.81
CA VAL A 472 -6.09 -12.92 27.55
C VAL A 472 -6.21 -11.45 27.16
N ALA A 473 -6.20 -11.20 25.87
CA ALA A 473 -6.46 -9.85 25.34
C ALA A 473 -7.56 -9.90 24.29
N TYR A 474 -8.23 -8.77 24.13
CA TYR A 474 -9.40 -8.66 23.25
C TYR A 474 -9.11 -7.68 22.12
N LEU A 475 -9.30 -8.15 20.89
CA LEU A 475 -9.01 -7.37 19.70
C LEU A 475 -10.30 -7.09 18.93
N HIS A 476 -10.65 -5.81 18.80
CA HIS A 476 -11.84 -5.37 18.06
C HIS A 476 -11.62 -4.04 17.35
N SER A 477 -12.54 -3.68 16.47
CA SER A 477 -12.40 -2.50 15.61
C SER A 477 -12.09 -1.19 16.32
N GLU A 478 -12.65 -0.99 17.51
CA GLU A 478 -12.40 0.21 18.31
C GLU A 478 -10.93 0.38 18.67
N ILE A 479 -10.23 -0.75 18.79
CA ILE A 479 -8.80 -0.75 19.09
C ILE A 479 -8.04 -0.12 17.92
N LYS A 480 -6.93 0.51 18.25
CA LYS A 480 -6.23 1.41 17.34
C LYS A 480 -4.90 0.80 16.95
N THR A 481 -4.40 1.22 15.79
CA THR A 481 -3.19 0.65 15.19
C THR A 481 -2.06 0.44 16.20
N LEU A 482 -1.69 1.50 16.91
CA LEU A 482 -0.56 1.41 17.84
C LEU A 482 -0.86 0.41 18.95
N GLU A 483 -2.08 0.40 19.45
CA GLU A 483 -2.44 -0.53 20.52
C GLU A 483 -2.59 -1.96 20.01
N ARG A 484 -3.13 -2.12 18.80
CA ARG A 484 -3.18 -3.44 18.17
C ARG A 484 -1.76 -4.03 18.14
N ILE A 485 -0.85 -3.30 17.51
CA ILE A 485 0.57 -3.66 17.44
C ILE A 485 1.11 -4.11 18.79
N GLU A 486 0.81 -3.33 19.82
CA GLU A 486 1.23 -3.61 21.19
C GLU A 486 0.72 -4.96 21.67
N ILE A 487 -0.55 -5.23 21.39
CA ILE A 487 -1.20 -6.44 21.87
C ILE A 487 -0.69 -7.69 21.13
N ILE A 488 -0.47 -7.58 19.83
CA ILE A 488 0.18 -8.65 19.06
C ILE A 488 1.54 -8.93 19.70
N ARG A 489 2.31 -7.87 19.93
CA ARG A 489 3.65 -7.96 20.51
C ARG A 489 3.64 -8.63 21.89
N ASP A 490 2.76 -8.15 22.76
CA ASP A 490 2.62 -8.69 24.10
C ASP A 490 2.20 -10.16 24.06
N LEU A 491 1.37 -10.52 23.08
CA LEU A 491 0.99 -11.92 22.89
C LEU A 491 2.25 -12.76 22.62
N ARG A 492 3.01 -12.35 21.61
CA ARG A 492 4.27 -13.02 21.25
C ARG A 492 5.24 -13.08 22.44
N LEU A 493 5.32 -11.99 23.21
CA LEU A 493 6.19 -11.92 24.38
C LEU A 493 5.73 -12.82 25.52
N GLY A 494 4.43 -13.10 25.58
CA GLY A 494 3.86 -13.98 26.59
C GLY A 494 3.15 -13.26 27.73
N LYS A 495 2.82 -11.98 27.54
CA LYS A 495 1.99 -11.26 28.52
C LYS A 495 0.59 -11.85 28.46
N TYR A 496 0.16 -12.18 27.24
CA TYR A 496 -1.07 -12.94 27.03
C TYR A 496 -0.74 -14.32 26.47
N ASP A 497 -1.65 -15.26 26.70
CA ASP A 497 -1.58 -16.59 26.11
C ASP A 497 -2.68 -16.80 25.08
N VAL A 498 -3.74 -16.00 25.17
CA VAL A 498 -4.86 -16.08 24.25
C VAL A 498 -5.17 -14.71 23.67
N LEU A 499 -5.64 -14.71 22.42
CA LEU A 499 -6.16 -13.52 21.77
C LEU A 499 -7.56 -13.83 21.28
N VAL A 500 -8.52 -12.99 21.63
CA VAL A 500 -9.89 -13.14 21.16
C VAL A 500 -10.21 -12.01 20.18
N GLY A 501 -10.94 -12.33 19.12
CA GLY A 501 -11.38 -11.35 18.14
C GLY A 501 -12.56 -11.82 17.34
N ILE A 502 -12.95 -11.01 16.36
CA ILE A 502 -14.04 -11.36 15.44
C ILE A 502 -13.49 -11.55 14.03
N ASN A 503 -13.05 -10.47 13.39
CA ASN A 503 -12.61 -10.53 12.00
C ASN A 503 -11.25 -9.86 11.75
N LEU A 504 -10.46 -9.72 12.81
CA LEU A 504 -9.12 -9.13 12.70
C LEU A 504 -8.02 -10.17 12.93
N LEU A 505 -8.40 -11.43 13.10
CA LEU A 505 -7.44 -12.52 13.26
C LEU A 505 -7.40 -13.29 11.95
N ARG A 506 -6.67 -12.73 11.00
CA ARG A 506 -6.94 -12.92 9.58
C ARG A 506 -5.65 -12.71 8.75
N GLU A 507 -5.80 -12.49 7.45
CA GLU A 507 -4.65 -12.31 6.56
C GLU A 507 -3.74 -11.17 7.03
N GLY A 508 -2.44 -11.42 6.97
CA GLY A 508 -1.43 -10.52 7.52
C GLY A 508 -0.89 -10.99 8.86
N LEU A 509 -1.74 -11.64 9.65
CA LEU A 509 -1.35 -12.05 11.00
C LEU A 509 -0.33 -13.19 10.92
N ASP A 510 0.89 -12.89 11.38
CA ASP A 510 2.01 -13.82 11.34
C ASP A 510 2.58 -13.98 12.75
N ILE A 511 2.05 -14.96 13.48
CA ILE A 511 2.44 -15.21 14.87
C ILE A 511 2.81 -16.69 15.04
N PRO A 512 4.12 -17.01 14.96
CA PRO A 512 4.53 -18.43 14.98
C PRO A 512 4.31 -19.13 16.33
N GLU A 513 4.17 -18.37 17.41
CA GLU A 513 3.90 -18.95 18.74
C GLU A 513 2.47 -19.49 18.91
N VAL A 514 1.61 -19.26 17.93
CA VAL A 514 0.23 -19.75 17.96
C VAL A 514 0.17 -21.21 17.50
N SER A 515 -0.31 -22.10 18.38
CA SER A 515 -0.55 -23.48 18.00
C SER A 515 -2.03 -23.79 17.78
N LEU A 516 -2.90 -23.02 18.41
CA LEU A 516 -4.34 -23.32 18.38
C LEU A 516 -5.19 -22.17 17.85
N VAL A 517 -5.99 -22.46 16.83
CA VAL A 517 -6.98 -21.52 16.30
C VAL A 517 -8.39 -22.06 16.53
N ALA A 518 -9.14 -21.41 17.42
CA ALA A 518 -10.51 -21.79 17.74
C ALA A 518 -11.50 -20.93 16.98
N ILE A 519 -12.47 -21.59 16.33
CA ILE A 519 -13.48 -20.90 15.54
C ILE A 519 -14.87 -21.24 16.09
N LEU A 520 -15.39 -20.37 16.95
CA LEU A 520 -16.73 -20.51 17.50
C LEU A 520 -17.77 -20.19 16.44
N ASP A 521 -18.94 -20.80 16.58
CA ASP A 521 -20.04 -20.63 15.61
C ASP A 521 -19.53 -20.84 14.20
N ALA A 522 -18.74 -21.90 14.02
CA ALA A 522 -18.08 -22.18 12.75
C ALA A 522 -19.07 -22.50 11.64
N ASP A 523 -20.25 -23.01 12.00
CA ASP A 523 -21.29 -23.36 11.03
C ASP A 523 -22.29 -22.25 10.78
N LYS A 524 -22.31 -21.24 11.65
CA LYS A 524 -23.26 -20.13 11.50
C LYS A 524 -22.86 -19.25 10.33
N GLU A 525 -23.44 -19.57 9.18
CA GLU A 525 -22.98 -19.07 7.89
C GLU A 525 -23.13 -17.56 7.73
N GLY A 526 -22.43 -17.05 6.71
CA GLY A 526 -22.34 -15.63 6.45
C GLY A 526 -20.98 -15.33 5.83
N ALA A 527 -20.62 -14.05 5.80
CA ALA A 527 -19.30 -13.63 5.30
C ALA A 527 -18.21 -14.01 6.29
N LEU A 528 -18.52 -13.94 7.58
CA LEU A 528 -17.58 -14.31 8.64
C LEU A 528 -17.20 -15.78 8.64
N ARG A 529 -18.09 -16.64 8.15
CA ARG A 529 -17.86 -18.08 8.14
C ARG A 529 -17.99 -18.66 6.74
N SER A 530 -17.55 -17.89 5.75
CA SER A 530 -17.46 -18.35 4.38
C SER A 530 -16.21 -19.20 4.20
N GLU A 531 -16.18 -19.93 3.09
CA GLU A 531 -15.00 -20.69 2.68
C GLU A 531 -13.76 -19.81 2.81
N ARG A 532 -13.79 -18.70 2.08
CA ARG A 532 -12.69 -17.75 2.01
C ARG A 532 -12.18 -17.37 3.41
N SER A 533 -13.10 -17.02 4.30
CA SER A 533 -12.76 -16.58 5.65
C SER A 533 -12.21 -17.70 6.50
N LEU A 534 -12.78 -18.89 6.33
CA LEU A 534 -12.31 -20.07 7.06
C LEU A 534 -10.85 -20.39 6.70
N ILE A 535 -10.54 -20.44 5.41
CA ILE A 535 -9.15 -20.69 4.97
C ILE A 535 -8.21 -19.67 5.60
N GLN A 536 -8.57 -18.39 5.52
CA GLN A 536 -7.77 -17.31 6.08
C GLN A 536 -7.54 -17.46 7.58
N THR A 537 -8.58 -17.82 8.31
CA THR A 537 -8.49 -17.99 9.75
C THR A 537 -7.69 -19.24 10.11
N ILE A 538 -7.97 -20.34 9.40
CA ILE A 538 -7.20 -21.58 9.53
C ILE A 538 -5.72 -21.30 9.34
N GLY A 539 -5.41 -20.50 8.32
CA GLY A 539 -4.03 -20.14 7.98
C GLY A 539 -3.19 -19.63 9.13
N ARG A 540 -3.82 -19.05 10.15
CA ARG A 540 -3.09 -18.57 11.32
C ARG A 540 -2.44 -19.72 12.11
N ALA A 541 -2.96 -20.93 11.93
CA ALA A 541 -2.37 -22.13 12.52
C ALA A 541 -1.25 -22.76 11.69
N ALA A 542 -0.99 -22.23 10.50
CA ALA A 542 -0.01 -22.83 9.59
C ALA A 542 1.42 -22.34 9.81
N ARG A 543 1.67 -21.67 10.93
CA ARG A 543 2.98 -21.09 11.20
C ARG A 543 3.69 -21.78 12.35
N ASN A 544 3.05 -22.81 12.90
CA ASN A 544 3.61 -23.61 13.98
C ASN A 544 3.63 -25.08 13.59
N ALA A 545 4.71 -25.76 13.93
CA ALA A 545 4.89 -27.19 13.64
C ALA A 545 3.78 -28.05 14.24
N ASN A 546 3.19 -27.57 15.34
CA ASN A 546 2.06 -28.24 16.00
C ASN A 546 0.73 -27.53 15.83
N GLY A 547 0.59 -26.82 14.71
CA GLY A 547 -0.61 -26.03 14.44
C GLY A 547 -1.87 -26.86 14.36
N HIS A 548 -2.89 -26.48 15.13
CA HIS A 548 -4.17 -27.20 15.17
C HIS A 548 -5.37 -26.25 15.19
N VAL A 549 -6.42 -26.64 14.48
CA VAL A 549 -7.65 -25.85 14.37
C VAL A 549 -8.82 -26.62 14.94
N ILE A 550 -9.58 -25.98 15.83
CA ILE A 550 -10.83 -26.52 16.34
C ILE A 550 -11.99 -25.66 15.86
N MET A 551 -12.97 -26.31 15.25
CA MET A 551 -14.21 -25.66 14.85
C MET A 551 -15.33 -26.11 15.78
N TYR A 552 -15.96 -25.15 16.45
CA TYR A 552 -17.09 -25.44 17.31
C TYR A 552 -18.40 -25.25 16.55
N ALA A 553 -18.97 -26.37 16.11
CA ALA A 553 -20.20 -26.37 15.35
C ALA A 553 -20.98 -27.67 15.53
N ASP A 554 -22.30 -27.59 15.40
CA ASP A 554 -23.18 -28.76 15.43
C ASP A 554 -23.42 -29.32 14.01
N THR A 555 -23.01 -28.55 13.00
CA THR A 555 -23.21 -28.91 11.60
C THR A 555 -21.92 -28.75 10.81
N ILE A 556 -21.75 -29.59 9.79
CA ILE A 556 -20.71 -29.36 8.77
C ILE A 556 -21.36 -28.70 7.55
N THR A 557 -21.19 -27.38 7.45
CA THR A 557 -21.75 -26.60 6.35
C THR A 557 -20.94 -26.82 5.09
N LYS A 558 -21.46 -26.36 3.95
CA LYS A 558 -20.75 -26.51 2.68
C LYS A 558 -19.42 -25.77 2.70
N SER A 559 -19.44 -24.52 3.16
CA SER A 559 -18.22 -23.72 3.32
C SER A 559 -17.22 -24.42 4.24
N MET A 560 -17.71 -24.91 5.37
CA MET A 560 -16.89 -25.72 6.28
C MET A 560 -16.33 -26.96 5.56
N GLU A 561 -17.21 -27.64 4.86
CA GLU A 561 -16.84 -28.84 4.10
C GLU A 561 -15.65 -28.58 3.18
N ILE A 562 -15.72 -27.48 2.45
CA ILE A 562 -14.69 -27.15 1.45
C ILE A 562 -13.39 -26.74 2.12
N ALA A 563 -13.47 -25.98 3.21
CA ALA A 563 -12.29 -25.55 3.95
C ALA A 563 -11.49 -26.74 4.49
N ILE A 564 -12.20 -27.70 5.08
CA ILE A 564 -11.58 -28.87 5.69
C ILE A 564 -10.94 -29.76 4.62
N GLN A 565 -11.63 -29.92 3.51
CA GLN A 565 -11.15 -30.76 2.41
C GLN A 565 -9.89 -30.17 1.77
N GLU A 566 -9.86 -28.84 1.64
CA GLU A 566 -8.72 -28.14 1.04
C GLU A 566 -7.53 -28.13 1.99
N THR A 567 -7.80 -27.95 3.27
CA THR A 567 -6.78 -28.06 4.31
C THR A 567 -6.17 -29.46 4.31
N LYS A 568 -7.02 -30.47 4.27
CA LYS A 568 -6.61 -31.88 4.21
C LYS A 568 -5.78 -32.16 2.97
N ARG A 569 -6.25 -31.69 1.81
CA ARG A 569 -5.55 -31.93 0.55
C ARG A 569 -4.14 -31.35 0.57
N ARG A 570 -4.02 -30.11 1.00
CA ARG A 570 -2.73 -29.45 1.08
C ARG A 570 -1.80 -30.18 2.03
N ARG A 571 -2.28 -30.45 3.25
CA ARG A 571 -1.47 -31.15 4.26
C ARG A 571 -0.91 -32.48 3.73
N ALA A 572 -1.74 -33.24 3.01
CA ALA A 572 -1.30 -34.54 2.49
C ALA A 572 -0.18 -34.40 1.45
N ILE A 573 -0.35 -33.44 0.55
CA ILE A 573 0.67 -33.15 -0.47
C ILE A 573 1.98 -32.70 0.18
N GLN A 574 1.87 -31.87 1.22
CA GLN A 574 3.03 -31.34 1.92
C GLN A 574 3.77 -32.42 2.71
N GLU A 575 3.02 -33.33 3.34
CA GLU A 575 3.63 -34.43 4.09
C GLU A 575 4.42 -35.36 3.18
N GLU A 576 3.88 -35.67 2.02
CA GLU A 576 4.59 -36.48 1.03
C GLU A 576 5.85 -35.76 0.57
N TYR A 577 5.68 -34.50 0.15
CA TYR A 577 6.82 -33.69 -0.27
C TYR A 577 7.92 -33.71 0.80
N ASN A 578 7.52 -33.49 2.04
CA ASN A 578 8.46 -33.44 3.17
C ASN A 578 9.28 -34.71 3.37
N ARG A 579 8.69 -35.87 3.09
CA ARG A 579 9.42 -37.14 3.24
C ARG A 579 10.23 -37.54 2.00
N LYS A 580 9.87 -37.01 0.84
CA LYS A 580 10.67 -37.19 -0.37
C LYS A 580 12.01 -36.48 -0.29
N HIS A 581 12.01 -35.31 0.35
CA HIS A 581 13.17 -34.42 0.39
C HIS A 581 13.81 -34.32 1.77
N GLY A 582 13.20 -34.96 2.77
CA GLY A 582 13.75 -34.97 4.12
C GLY A 582 13.74 -33.61 4.78
N ILE A 583 12.64 -32.88 4.60
CA ILE A 583 12.44 -31.59 5.25
C ILE A 583 11.80 -31.89 6.58
N VAL A 584 12.27 -31.25 7.64
CA VAL A 584 11.62 -31.36 8.95
C VAL A 584 10.88 -30.05 9.22
N PRO A 585 9.53 -30.11 9.30
CA PRO A 585 8.73 -28.95 9.67
C PRO A 585 9.31 -28.24 10.90
N ARG A 586 9.83 -27.04 10.70
CA ARG A 586 10.41 -26.27 11.78
C ARG A 586 9.57 -25.01 12.00
N THR A 587 9.20 -24.77 13.26
CA THR A 587 8.47 -23.56 13.62
C THR A 587 9.41 -22.39 13.43
N VAL A 588 9.10 -21.53 12.46
CA VAL A 588 9.95 -20.39 12.13
C VAL A 588 10.07 -19.45 13.32
N LYS A 589 11.29 -19.29 13.81
CA LYS A 589 11.57 -18.26 14.80
C LYS A 589 11.51 -16.97 14.02
N LYS A 590 10.83 -15.98 14.59
CA LYS A 590 10.60 -14.72 13.91
C LYS A 590 10.87 -13.64 14.95
N GLU A 591 11.70 -12.67 14.57
CA GLU A 591 12.12 -11.64 15.51
C GLU A 591 10.89 -10.87 15.99
N ILE A 592 10.83 -10.58 17.28
CA ILE A 592 9.70 -9.84 17.84
C ILE A 592 9.92 -8.34 17.71
N ARG A 593 9.02 -7.69 16.98
CA ARG A 593 9.05 -6.24 16.79
C ARG A 593 7.72 -5.65 17.22
S SO4 D . 16.94 11.13 1.61
O1 SO4 D . 17.00 10.30 0.38
O2 SO4 D . 15.57 11.60 1.89
O3 SO4 D . 17.81 12.31 1.40
O4 SO4 D . 17.40 10.33 2.76
S SO4 E . 3.08 -15.57 2.83
O1 SO4 E . 1.98 -15.76 3.80
O2 SO4 E . 2.74 -16.26 1.57
O3 SO4 E . 3.24 -14.12 2.57
O4 SO4 E . 4.35 -16.12 3.38
CL CL F . -10.70 -18.03 -16.32
CL CL G . 21.64 37.56 -3.98
#